data_6L90
#
_entry.id   6L90
#
_cell.length_a   50.832
_cell.length_b   68.877
_cell.length_c   143.908
_cell.angle_alpha   90.000
_cell.angle_beta   90.000
_cell.angle_gamma   90.000
#
_symmetry.space_group_name_H-M   'P 21 21 21'
#
loop_
_entity.id
_entity.type
_entity.pdbx_description
1 polymer Glycosyltransferase
2 non-polymer 'SULFATE ION'
3 water water
#
_entity_poly.entity_id   1
_entity_poly.type   'polypeptide(L)'
_entity_poly.pdbx_seq_one_letter_code
;MEKGDTHILVFPFPSQGHINPLLQLSKRLIAKGIKVSLVTTLHVSNHLQLQGAYSNSVKIEVISDGSEDRLETDTMRQTL
DRFRQKMTKNLEDFLQKAMVSSNPPKFILYDSTMPWVLEVAKEFGLDRAPFYTQSCALNSINYHVLHGQLKLPPETPTIS
LPSMPLLRPSDLPAYDFDPASTDTIIDLLTSQYSNIQDANLLFCNTFDKLEGEIIQWMETLGRPVKTVGPTVPSAYLDKR
VENDKHYGLSLFKPNEDVCLKWLDSKPSGSVLYVSYGSLVEMGEEQLKELALGIKETGKFFLWVVRDTEAEKLPPNFVES
VAEKGLVVSWCSQLEVLAHPSVGCFFTHCGWNSTLEALCLGVPVVAFPQWADQVTNAKFLEDVWKVGKRVKRNEQRLASK
EEVRSCIWEVMEGERASEFKSNSMEWKKWAKEAVDEGGSSDKNIEEFVAMLKQT
;
_entity_poly.pdbx_strand_id   A
#
loop_
_chem_comp.id
_chem_comp.type
_chem_comp.name
_chem_comp.formula
SO4 non-polymer 'SULFATE ION' 'O4 S -2'
#
# COMPACT_ATOMS: atom_id res chain seq x y z
N ASP A 5 17.35 -15.14 -22.49
CA ASP A 5 16.35 -14.27 -21.79
C ASP A 5 16.31 -14.64 -20.31
N THR A 6 16.34 -13.63 -19.42
CA THR A 6 16.34 -13.83 -17.95
C THR A 6 14.92 -14.05 -17.45
N HIS A 7 14.73 -15.13 -16.69
CA HIS A 7 13.44 -15.53 -16.06
C HIS A 7 13.54 -15.33 -14.54
N ILE A 8 12.53 -14.70 -13.94
CA ILE A 8 12.39 -14.64 -12.45
C ILE A 8 10.98 -15.05 -12.03
N LEU A 9 10.87 -15.42 -10.76
CA LEU A 9 9.59 -15.67 -10.06
C LEU A 9 9.26 -14.45 -9.18
N VAL A 10 8.00 -14.02 -9.20
CA VAL A 10 7.44 -13.03 -8.25
C VAL A 10 6.27 -13.70 -7.52
N PHE A 11 6.34 -13.74 -6.20
CA PHE A 11 5.43 -14.51 -5.32
C PHE A 11 4.80 -13.56 -4.30
N PRO A 12 3.70 -12.86 -4.65
CA PRO A 12 3.01 -11.99 -3.72
C PRO A 12 2.26 -12.79 -2.65
N PHE A 13 1.95 -12.10 -1.57
CA PHE A 13 1.09 -12.66 -0.51
C PHE A 13 -0.32 -12.53 -1.06
N PRO A 14 -1.15 -13.59 -1.08
CA PRO A 14 -2.50 -13.55 -1.67
C PRO A 14 -3.59 -12.69 -1.01
N SER A 15 -3.34 -11.40 -0.79
CA SER A 15 -4.34 -10.52 -0.16
C SER A 15 -4.38 -9.21 -0.94
N GLN A 16 -5.56 -8.64 -1.16
CA GLN A 16 -5.60 -7.35 -1.87
C GLN A 16 -4.89 -6.34 -0.98
N GLY A 17 -4.02 -5.54 -1.57
CA GLY A 17 -3.22 -4.59 -0.81
C GLY A 17 -1.77 -4.99 -0.96
N HIS A 18 -1.54 -6.30 -1.09
CA HIS A 18 -0.20 -6.92 -1.26
C HIS A 18 0.02 -7.35 -2.71
N ILE A 19 -1.02 -7.71 -3.45
CA ILE A 19 -0.78 -8.21 -4.83
C ILE A 19 -0.38 -7.06 -5.75
N ASN A 20 -1.11 -5.95 -5.69
CA ASN A 20 -0.91 -4.78 -6.58
C ASN A 20 0.53 -4.31 -6.65
N PRO A 21 1.19 -4.02 -5.52
CA PRO A 21 2.58 -3.55 -5.55
C PRO A 21 3.51 -4.49 -6.35
N LEU A 22 3.37 -5.79 -6.20
CA LEU A 22 4.24 -6.73 -6.94
C LEU A 22 3.87 -6.75 -8.43
N LEU A 23 2.59 -6.77 -8.77
CA LEU A 23 2.13 -6.69 -10.18
C LEU A 23 2.77 -5.45 -10.83
N GLN A 24 2.82 -4.33 -10.11
CA GLN A 24 3.27 -3.02 -10.66
C GLN A 24 4.79 -3.08 -10.89
N LEU A 25 5.54 -3.58 -9.92
CA LEU A 25 6.99 -3.82 -10.07
C LEU A 25 7.23 -4.78 -11.24
N SER A 26 6.41 -5.83 -11.37
CA SER A 26 6.53 -6.86 -12.44
C SER A 26 6.40 -6.18 -13.82
N LYS A 27 5.62 -5.11 -13.90
CA LYS A 27 5.42 -4.36 -15.16
C LYS A 27 6.69 -3.57 -15.50
N ARG A 28 7.34 -2.94 -14.53
CA ARG A 28 8.61 -2.20 -14.74
C ARG A 28 9.71 -3.18 -15.18
N LEU A 29 9.64 -4.43 -14.72
CA LEU A 29 10.68 -5.44 -15.00
C LEU A 29 10.51 -5.96 -16.43
N ILE A 30 9.27 -6.26 -16.85
CA ILE A 30 8.99 -6.79 -18.22
C ILE A 30 9.28 -5.68 -19.24
N ALA A 31 9.10 -4.41 -18.85
CA ALA A 31 9.37 -3.23 -19.70
C ALA A 31 10.88 -3.07 -19.92
N LYS A 32 11.70 -3.69 -19.05
CA LYS A 32 13.18 -3.73 -19.20
C LYS A 32 13.66 -5.13 -19.63
N GLY A 33 12.75 -5.98 -20.10
CA GLY A 33 13.07 -7.21 -20.86
C GLY A 33 13.28 -8.42 -19.95
N ILE A 34 12.87 -8.36 -18.68
CA ILE A 34 12.86 -9.55 -17.77
C ILE A 34 11.57 -10.32 -18.03
N LYS A 35 11.67 -11.65 -18.22
CA LYS A 35 10.52 -12.58 -18.25
C LYS A 35 10.11 -12.85 -16.81
N VAL A 36 8.84 -12.58 -16.47
CA VAL A 36 8.31 -12.72 -15.08
C VAL A 36 7.25 -13.81 -15.06
N SER A 37 7.40 -14.79 -14.17
CA SER A 37 6.32 -15.73 -13.76
C SER A 37 5.79 -15.35 -12.38
N LEU A 38 4.46 -15.15 -12.28
CA LEU A 38 3.75 -14.85 -11.02
C LEU A 38 3.29 -16.15 -10.36
N VAL A 39 3.89 -16.47 -9.23
CA VAL A 39 3.55 -17.70 -8.44
C VAL A 39 2.36 -17.35 -7.56
N THR A 40 1.21 -18.01 -7.74
CA THR A 40 0.01 -17.69 -6.94
C THR A 40 -0.94 -18.88 -6.83
N THR A 41 -2.02 -18.63 -6.11
CA THR A 41 -2.96 -19.63 -5.56
C THR A 41 -4.13 -19.77 -6.54
N LEU A 42 -4.89 -20.85 -6.42
CA LEU A 42 -6.08 -21.11 -7.26
C LEU A 42 -7.07 -19.96 -7.07
N HIS A 43 -7.18 -19.47 -5.83
CA HIS A 43 -8.18 -18.46 -5.40
C HIS A 43 -7.90 -17.12 -6.09
N VAL A 44 -6.64 -16.69 -6.12
CA VAL A 44 -6.25 -15.37 -6.72
C VAL A 44 -6.48 -15.42 -8.24
N SER A 45 -6.13 -16.53 -8.92
CA SER A 45 -6.25 -16.67 -10.39
C SER A 45 -7.73 -16.73 -10.81
N ASN A 46 -8.64 -17.07 -9.89
CA ASN A 46 -10.09 -17.21 -10.14
C ASN A 46 -10.79 -15.85 -10.05
N HIS A 47 -10.22 -14.90 -9.31
CA HIS A 47 -10.89 -13.62 -8.95
C HIS A 47 -10.20 -12.44 -9.64
N LEU A 48 -8.99 -12.66 -10.16
CA LEU A 48 -8.25 -11.66 -10.97
C LEU A 48 -7.85 -12.30 -12.30
N GLN A 49 -7.95 -11.56 -13.40
CA GLN A 49 -7.48 -11.98 -14.75
C GLN A 49 -6.08 -11.41 -14.97
N LEU A 50 -5.06 -12.23 -14.69
CA LEU A 50 -3.64 -11.80 -14.55
C LEU A 50 -2.89 -12.00 -15.87
N GLN A 51 -3.53 -12.68 -16.83
CA GLN A 51 -2.88 -13.14 -18.09
C GLN A 51 -3.10 -12.09 -19.18
N GLY A 52 -2.07 -11.29 -19.48
CA GLY A 52 -1.99 -10.48 -20.71
C GLY A 52 -1.81 -11.37 -21.94
N ALA A 53 -1.97 -10.79 -23.13
CA ALA A 53 -2.15 -11.52 -24.40
C ALA A 53 -0.82 -11.62 -25.16
N TYR A 54 0.23 -11.04 -24.59
CA TYR A 54 1.48 -10.82 -25.34
C TYR A 54 2.63 -11.78 -25.01
N SER A 55 3.67 -11.70 -25.83
CA SER A 55 4.90 -12.52 -25.67
C SER A 55 5.61 -12.18 -24.35
N ASN A 56 5.55 -10.92 -23.90
CA ASN A 56 6.28 -10.49 -22.69
C ASN A 56 5.35 -10.39 -21.48
N SER A 57 4.14 -10.88 -21.60
CA SER A 57 3.17 -10.79 -20.48
C SER A 57 3.63 -11.69 -19.34
N VAL A 58 3.36 -11.25 -18.12
CA VAL A 58 3.64 -12.05 -16.90
C VAL A 58 3.00 -13.44 -17.08
N LYS A 59 3.76 -14.51 -16.88
CA LYS A 59 3.21 -15.88 -16.97
C LYS A 59 2.58 -16.23 -15.63
N ILE A 60 1.34 -16.71 -15.60
CA ILE A 60 0.68 -17.01 -14.30
C ILE A 60 0.91 -18.47 -13.93
N GLU A 61 1.53 -18.69 -12.79
CA GLU A 61 1.85 -20.07 -12.31
C GLU A 61 1.04 -20.39 -11.07
N VAL A 62 -0.06 -21.12 -11.21
CA VAL A 62 -0.88 -21.53 -10.05
C VAL A 62 -0.20 -22.75 -9.43
N ILE A 63 0.14 -22.67 -8.15
CA ILE A 63 0.96 -23.73 -7.50
C ILE A 63 0.17 -24.38 -6.37
N SER A 64 -1.08 -23.96 -6.16
CA SER A 64 -1.94 -24.43 -5.04
C SER A 64 -3.27 -24.99 -5.59
N ASP A 65 -3.93 -25.84 -4.80
CA ASP A 65 -5.17 -26.56 -5.18
C ASP A 65 -6.36 -26.00 -4.39
N GLY A 66 -6.10 -25.03 -3.51
CA GLY A 66 -7.14 -24.24 -2.83
C GLY A 66 -7.35 -24.71 -1.40
N SER A 67 -6.71 -25.83 -1.05
CA SER A 67 -6.82 -26.47 0.28
C SER A 67 -6.04 -25.72 1.33
N GLU A 68 -5.37 -24.65 0.93
CA GLU A 68 -4.58 -23.82 1.87
C GLU A 68 -5.43 -22.63 2.28
N ASP A 69 -6.54 -22.38 1.59
CA ASP A 69 -7.45 -21.21 1.79
C ASP A 69 -7.90 -21.01 3.25
N ARG A 70 -8.19 -19.75 3.57
CA ARG A 70 -8.64 -19.34 4.92
C ARG A 70 -10.07 -19.86 5.16
N LEU A 71 -10.31 -20.48 6.31
CA LEU A 71 -11.68 -20.90 6.70
C LEU A 71 -12.20 -19.77 7.61
N GLU A 72 -13.52 -19.53 7.66
CA GLU A 72 -14.06 -18.46 8.54
C GLU A 72 -14.08 -18.88 10.02
N THR A 73 -13.88 -20.16 10.32
CA THR A 73 -13.81 -20.69 11.71
C THR A 73 -12.42 -20.49 12.28
N ASP A 74 -11.45 -20.08 11.47
CA ASP A 74 -10.03 -20.13 11.91
C ASP A 74 -9.55 -19.00 12.84
N THR A 75 -8.66 -19.42 13.75
CA THR A 75 -7.87 -18.55 14.63
C THR A 75 -6.67 -18.19 13.77
N MET A 76 -6.28 -16.91 13.66
CA MET A 76 -5.17 -16.43 12.78
C MET A 76 -3.98 -17.39 12.67
N ARG A 77 -3.47 -17.90 13.78
CA ARG A 77 -2.39 -18.89 13.77
C ARG A 77 -2.76 -20.02 12.81
N GLN A 78 -3.96 -20.62 12.97
CA GLN A 78 -4.37 -21.76 12.13
C GLN A 78 -4.27 -21.37 10.66
N THR A 79 -4.84 -20.24 10.29
CA THR A 79 -4.76 -19.80 8.88
C THR A 79 -3.31 -19.74 8.41
N LEU A 80 -2.41 -19.15 9.21
CA LEU A 80 -1.00 -18.95 8.86
C LEU A 80 -0.19 -20.26 8.92
N ASP A 81 -0.38 -21.09 9.92
CA ASP A 81 0.45 -22.32 9.97
C ASP A 81 0.11 -23.19 8.76
N ARG A 82 -1.16 -23.25 8.41
CA ARG A 82 -1.65 -24.10 7.29
C ARG A 82 -1.13 -23.54 5.98
N PHE A 83 -1.36 -22.24 5.71
CA PHE A 83 -0.87 -21.52 4.49
C PHE A 83 0.61 -21.84 4.25
N ARG A 84 1.42 -21.78 5.31
CA ARG A 84 2.90 -21.93 5.28
C ARG A 84 3.29 -23.37 4.92
N GLN A 85 2.78 -24.35 5.65
CA GLN A 85 3.08 -25.80 5.44
C GLN A 85 2.74 -26.19 3.99
N LYS A 86 1.52 -25.86 3.55
CA LYS A 86 1.00 -26.23 2.20
C LYS A 86 1.74 -25.45 1.11
N MET A 87 1.97 -24.15 1.31
CA MET A 87 2.59 -23.30 0.26
C MET A 87 4.10 -23.61 0.19
N THR A 88 4.70 -24.02 1.30
CA THR A 88 6.12 -24.47 1.40
C THR A 88 6.28 -25.73 0.53
N LYS A 89 5.38 -26.67 0.68
CA LYS A 89 5.41 -27.90 -0.15
C LYS A 89 5.09 -27.53 -1.60
N ASN A 90 4.15 -26.62 -1.82
CA ASN A 90 3.75 -26.25 -3.19
C ASN A 90 4.92 -25.61 -3.92
N LEU A 91 5.62 -24.70 -3.26
CA LEU A 91 6.75 -23.99 -3.90
C LEU A 91 7.88 -24.99 -4.19
N GLU A 92 8.15 -25.88 -3.25
CA GLU A 92 9.22 -26.92 -3.36
C GLU A 92 8.94 -27.80 -4.58
N ASP A 93 7.69 -28.28 -4.68
CA ASP A 93 7.16 -29.05 -5.83
C ASP A 93 7.36 -28.26 -7.12
N PHE A 94 7.05 -26.95 -7.10
CA PHE A 94 7.12 -26.09 -8.30
C PHE A 94 8.59 -25.93 -8.72
N LEU A 95 9.47 -25.72 -7.74
CA LEU A 95 10.92 -25.49 -7.99
C LEU A 95 11.59 -26.82 -8.41
N GLN A 96 11.15 -27.95 -7.88
CA GLN A 96 11.69 -29.28 -8.24
C GLN A 96 11.60 -29.45 -9.76
N LYS A 97 10.50 -28.99 -10.37
CA LYS A 97 10.28 -29.00 -11.83
C LYS A 97 10.97 -27.80 -12.49
N ALA A 98 10.66 -26.57 -12.06
CA ALA A 98 11.14 -25.33 -12.71
C ALA A 98 12.67 -25.35 -12.81
N MET A 99 13.36 -25.78 -11.75
CA MET A 99 14.84 -25.61 -11.62
C MET A 99 15.56 -26.54 -12.60
N VAL A 100 14.92 -27.63 -13.03
CA VAL A 100 15.54 -28.63 -13.96
C VAL A 100 14.91 -28.51 -15.35
N SER A 101 14.28 -27.38 -15.66
CA SER A 101 13.58 -27.12 -16.95
C SER A 101 14.54 -26.52 -17.99
N SER A 102 13.99 -25.99 -19.09
CA SER A 102 14.73 -25.48 -20.28
C SER A 102 15.48 -24.19 -19.92
N ASN A 103 14.78 -23.21 -19.35
CA ASN A 103 15.36 -21.94 -18.83
C ASN A 103 14.85 -21.72 -17.40
N PRO A 104 15.51 -22.30 -16.38
CA PRO A 104 15.05 -22.19 -15.00
C PRO A 104 15.10 -20.75 -14.51
N PRO A 105 14.29 -20.40 -13.49
CA PRO A 105 14.30 -19.03 -12.96
C PRO A 105 15.64 -18.71 -12.28
N LYS A 106 16.09 -17.45 -12.39
CA LYS A 106 17.38 -16.98 -11.85
C LYS A 106 17.14 -16.27 -10.52
N PHE A 107 15.88 -16.09 -10.11
CA PHE A 107 15.55 -15.28 -8.91
C PHE A 107 14.12 -15.55 -8.45
N ILE A 108 13.88 -15.41 -7.15
CA ILE A 108 12.52 -15.35 -6.56
C ILE A 108 12.40 -14.10 -5.69
N LEU A 109 11.55 -13.18 -6.12
CA LEU A 109 11.17 -11.96 -5.36
C LEU A 109 9.80 -12.24 -4.70
N TYR A 110 9.77 -12.26 -3.37
CA TYR A 110 8.57 -12.68 -2.60
C TYR A 110 8.19 -11.56 -1.62
N ASP A 111 6.90 -11.45 -1.33
CA ASP A 111 6.38 -10.56 -0.27
C ASP A 111 7.10 -10.90 1.03
N SER A 112 7.63 -9.86 1.71
CA SER A 112 8.43 -9.98 2.95
C SER A 112 7.61 -10.74 4.01
N THR A 113 6.28 -10.75 3.87
CA THR A 113 5.29 -11.38 4.79
C THR A 113 5.41 -12.91 4.75
N MET A 114 6.19 -13.45 3.80
CA MET A 114 6.43 -14.91 3.62
C MET A 114 7.92 -15.20 3.70
N PRO A 115 8.58 -14.91 4.84
CA PRO A 115 10.03 -15.03 4.95
C PRO A 115 10.51 -16.48 4.78
N TRP A 116 9.61 -17.45 5.01
CA TRP A 116 9.86 -18.90 4.85
C TRP A 116 10.22 -19.22 3.39
N VAL A 117 9.86 -18.34 2.45
CA VAL A 117 10.27 -18.49 1.02
C VAL A 117 11.81 -18.52 0.95
N LEU A 118 12.50 -17.70 1.75
CA LEU A 118 13.99 -17.61 1.73
C LEU A 118 14.60 -19.00 1.98
N GLU A 119 14.09 -19.72 2.97
CA GLU A 119 14.59 -21.06 3.39
C GLU A 119 14.49 -22.01 2.19
N VAL A 120 13.39 -21.94 1.42
CA VAL A 120 13.18 -22.78 0.21
C VAL A 120 14.19 -22.37 -0.88
N ALA A 121 14.34 -21.07 -1.12
CA ALA A 121 15.33 -20.54 -2.09
C ALA A 121 16.73 -21.04 -1.68
N LYS A 122 17.04 -21.00 -0.39
CA LYS A 122 18.34 -21.41 0.17
C LYS A 122 18.60 -22.89 -0.15
N GLU A 123 17.60 -23.75 -0.01
CA GLU A 123 17.72 -25.22 -0.25
C GLU A 123 17.99 -25.46 -1.74
N PHE A 124 17.43 -24.62 -2.62
CA PHE A 124 17.49 -24.82 -4.09
C PHE A 124 18.63 -23.98 -4.69
N GLY A 125 19.35 -23.22 -3.86
CA GLY A 125 20.46 -22.35 -4.31
C GLY A 125 19.98 -21.28 -5.27
N LEU A 126 18.81 -20.72 -5.00
CA LEU A 126 18.12 -19.73 -5.88
C LEU A 126 18.16 -18.37 -5.18
N ASP A 127 18.84 -17.42 -5.82
CA ASP A 127 18.87 -15.98 -5.45
C ASP A 127 17.45 -15.51 -5.08
N ARG A 128 17.32 -14.68 -4.05
CA ARG A 128 16.01 -14.36 -3.44
C ARG A 128 16.11 -12.99 -2.76
N ALA A 129 14.98 -12.30 -2.68
CA ALA A 129 14.86 -10.95 -2.09
C ALA A 129 13.43 -10.78 -1.58
N PRO A 130 13.25 -10.41 -0.31
CA PRO A 130 11.93 -10.04 0.20
C PRO A 130 11.56 -8.66 -0.37
N PHE A 131 10.27 -8.45 -0.58
CA PHE A 131 9.67 -7.16 -1.00
C PHE A 131 8.76 -6.64 0.13
N TYR A 132 9.22 -5.58 0.77
CA TYR A 132 8.50 -4.84 1.86
C TYR A 132 7.56 -3.83 1.20
N THR A 133 6.27 -4.16 1.15
CA THR A 133 5.27 -3.44 0.31
C THR A 133 4.78 -2.19 1.04
N GLN A 134 5.04 -2.06 2.34
CA GLN A 134 4.61 -0.90 3.15
C GLN A 134 5.82 0.01 3.40
N SER A 135 5.64 1.09 4.16
CA SER A 135 6.65 2.16 4.35
C SER A 135 7.96 1.56 4.89
N CYS A 136 9.09 2.20 4.60
CA CYS A 136 10.37 1.86 5.26
C CYS A 136 10.30 2.22 6.74
N ALA A 137 9.62 3.33 7.09
CA ALA A 137 9.35 3.72 8.49
C ALA A 137 8.88 2.50 9.28
N LEU A 138 8.00 1.66 8.71
CA LEU A 138 7.44 0.50 9.45
C LEU A 138 8.45 -0.64 9.48
N ASN A 139 9.44 -0.66 8.58
CA ASN A 139 10.59 -1.59 8.68
C ASN A 139 11.40 -1.27 9.95
N SER A 140 11.62 0.01 10.22
CA SER A 140 12.33 0.46 11.44
C SER A 140 11.53 -0.02 12.65
N ILE A 141 10.26 0.34 12.72
CA ILE A 141 9.40 -0.04 13.88
C ILE A 141 9.42 -1.54 14.14
N ASN A 142 9.15 -2.36 13.13
CA ASN A 142 9.08 -3.82 13.34
C ASN A 142 10.45 -4.40 13.68
N TYR A 143 11.52 -3.89 13.09
CA TYR A 143 12.88 -4.35 13.41
C TYR A 143 13.16 -4.10 14.89
N HIS A 144 12.80 -2.91 15.35
CA HIS A 144 13.04 -2.53 16.76
C HIS A 144 12.17 -3.36 17.70
N VAL A 145 10.98 -3.74 17.28
CA VAL A 145 10.14 -4.60 18.13
C VAL A 145 10.80 -5.97 18.14
N LEU A 146 11.28 -6.43 17.00
CA LEU A 146 11.94 -7.75 16.93
C LEU A 146 13.14 -7.80 17.88
N HIS A 147 14.02 -6.81 17.80
CA HIS A 147 15.28 -6.85 18.57
C HIS A 147 15.16 -6.23 19.96
N GLY A 148 13.94 -5.99 20.43
CA GLY A 148 13.72 -5.52 21.82
C GLY A 148 13.93 -4.05 22.09
N GLN A 149 14.24 -3.19 21.12
CA GLN A 149 14.41 -1.77 21.53
C GLN A 149 13.05 -1.10 21.70
N LEU A 150 12.00 -1.76 21.24
CA LEU A 150 10.58 -1.28 21.24
C LEU A 150 9.72 -2.45 21.70
N LYS A 151 8.76 -2.23 22.61
CA LYS A 151 7.86 -3.30 23.10
C LYS A 151 6.46 -3.13 22.51
N LEU A 152 5.67 -4.22 22.54
CA LEU A 152 4.26 -4.25 22.05
C LEU A 152 3.43 -3.23 22.82
N PRO A 153 3.65 -3.08 24.14
CA PRO A 153 3.12 -1.93 24.88
C PRO A 153 4.31 -0.98 24.96
N PRO A 154 4.27 0.23 24.34
CA PRO A 154 5.41 1.14 24.43
C PRO A 154 5.78 1.43 25.90
N GLU A 155 7.08 1.34 26.21
CA GLU A 155 7.65 1.41 27.58
C GLU A 155 7.88 2.87 27.99
N THR A 156 7.58 3.85 27.13
CA THR A 156 7.86 5.30 27.37
C THR A 156 6.84 6.15 26.64
N PRO A 157 6.76 7.45 26.96
CA PRO A 157 5.80 8.36 26.34
C PRO A 157 6.27 8.95 25.01
N THR A 158 7.58 8.87 24.72
CA THR A 158 8.13 9.29 23.42
C THR A 158 9.10 8.20 22.94
N ILE A 159 9.05 7.89 21.65
CA ILE A 159 9.98 6.85 21.13
C ILE A 159 10.94 7.53 20.19
N SER A 160 12.23 7.43 20.44
CA SER A 160 13.21 8.04 19.51
C SER A 160 14.03 6.91 18.89
N LEU A 161 13.64 6.45 17.72
CA LEU A 161 14.40 5.37 17.04
C LEU A 161 15.46 6.01 16.16
N PRO A 162 16.54 5.31 15.82
CA PRO A 162 17.57 5.90 15.00
C PRO A 162 17.05 6.32 13.63
N SER A 163 17.38 7.55 13.26
CA SER A 163 17.12 8.14 11.91
C SER A 163 15.62 8.22 11.65
N MET A 164 14.82 8.31 12.72
CA MET A 164 13.33 8.40 12.66
C MET A 164 12.87 9.70 13.30
N PRO A 165 11.67 10.20 12.95
CA PRO A 165 11.02 11.26 13.73
C PRO A 165 10.69 10.70 15.12
N LEU A 166 10.55 11.58 16.11
CA LEU A 166 9.92 11.25 17.42
C LEU A 166 8.52 10.73 17.12
N LEU A 167 8.18 9.61 17.75
CA LEU A 167 6.84 8.97 17.72
C LEU A 167 6.26 8.90 19.13
N ARG A 168 4.95 9.12 19.25
CA ARG A 168 4.15 8.85 20.48
C ARG A 168 3.49 7.50 20.33
N PRO A 169 3.01 6.90 21.44
CA PRO A 169 2.27 5.63 21.37
C PRO A 169 1.21 5.63 20.26
N SER A 170 0.56 6.77 20.03
CA SER A 170 -0.60 6.90 19.10
C SER A 170 -0.11 7.05 17.65
N ASP A 171 1.21 7.02 17.44
CA ASP A 171 1.86 7.07 16.10
C ASP A 171 2.28 5.67 15.71
N LEU A 172 2.23 4.73 16.65
CA LEU A 172 2.71 3.33 16.49
C LEU A 172 1.54 2.49 16.00
N PRO A 173 1.79 1.49 15.13
CA PRO A 173 0.73 0.60 14.66
C PRO A 173 -0.09 0.04 15.84
N ALA A 174 -1.41 0.11 15.73
CA ALA A 174 -2.39 -0.48 16.68
C ALA A 174 -3.01 -1.73 16.05
N TYR A 175 -2.44 -2.92 16.34
CA TYR A 175 -2.78 -4.21 15.70
C TYR A 175 -3.78 -4.99 16.58
N ASP A 176 -4.55 -4.27 17.40
CA ASP A 176 -5.22 -4.85 18.60
C ASP A 176 -6.74 -4.65 18.49
N PHE A 177 -7.25 -4.31 17.31
CA PHE A 177 -8.69 -4.19 17.00
C PHE A 177 -9.39 -5.54 17.21
N ASP A 178 -8.65 -6.63 16.97
CA ASP A 178 -9.01 -8.01 17.37
C ASP A 178 -7.99 -8.47 18.42
N PRO A 179 -8.29 -8.27 19.73
CA PRO A 179 -7.32 -8.55 20.79
C PRO A 179 -6.95 -10.04 20.88
N ALA A 180 -7.42 -10.85 19.93
CA ALA A 180 -7.11 -12.29 19.82
C ALA A 180 -6.03 -12.52 18.76
N SER A 181 -5.94 -11.61 17.77
CA SER A 181 -5.02 -11.70 16.61
C SER A 181 -3.70 -10.99 16.90
N THR A 182 -3.69 -10.06 17.88
CA THR A 182 -2.64 -9.01 18.05
C THR A 182 -1.25 -9.66 18.06
N ASP A 183 -1.01 -10.61 18.96
CA ASP A 183 0.29 -11.28 19.15
C ASP A 183 0.67 -12.01 17.84
N THR A 184 -0.25 -12.76 17.25
CA THR A 184 -0.05 -13.47 15.95
C THR A 184 0.44 -12.47 14.90
N ILE A 185 -0.24 -11.32 14.80
CA ILE A 185 0.06 -10.25 13.80
C ILE A 185 1.49 -9.76 14.06
N ILE A 186 1.84 -9.49 15.32
CA ILE A 186 3.15 -8.87 15.70
C ILE A 186 4.28 -9.86 15.42
N ASP A 187 4.11 -11.13 15.78
CA ASP A 187 5.11 -12.21 15.53
C ASP A 187 5.35 -12.38 14.01
N LEU A 188 4.27 -12.32 13.21
CA LEU A 188 4.32 -12.40 11.73
C LEU A 188 5.07 -11.18 11.17
N LEU A 189 4.82 -10.01 11.77
CA LEU A 189 5.44 -8.74 11.34
C LEU A 189 6.92 -8.72 11.69
N THR A 190 7.25 -9.16 12.90
CA THR A 190 8.65 -9.15 13.38
C THR A 190 9.45 -10.25 12.69
N SER A 191 8.80 -11.30 12.21
CA SER A 191 9.47 -12.47 11.56
C SER A 191 9.94 -12.16 10.14
N GLN A 192 9.57 -11.01 9.59
CA GLN A 192 9.97 -10.57 8.24
C GLN A 192 11.40 -10.01 8.24
N TYR A 193 12.03 -9.85 9.41
CA TYR A 193 13.38 -9.25 9.56
C TYR A 193 14.39 -10.26 10.13
N SER A 194 13.96 -11.46 10.49
CA SER A 194 14.88 -12.43 11.14
C SER A 194 15.93 -13.03 10.21
N ASN A 195 15.62 -13.25 8.94
CA ASN A 195 16.50 -14.08 8.06
C ASN A 195 17.11 -13.24 6.93
N ILE A 196 17.12 -11.92 7.08
CA ILE A 196 17.56 -10.97 6.01
C ILE A 196 19.04 -11.22 5.66
N GLN A 197 19.77 -11.82 6.58
CA GLN A 197 21.22 -12.07 6.38
C GLN A 197 21.43 -12.84 5.08
N ASP A 198 20.49 -13.67 4.70
CA ASP A 198 20.61 -14.50 3.49
C ASP A 198 19.86 -13.92 2.29
N ALA A 199 19.31 -12.72 2.43
CA ALA A 199 18.62 -12.05 1.30
C ALA A 199 19.65 -11.46 0.34
N ASN A 200 19.46 -11.67 -0.96
CA ASN A 200 20.37 -11.07 -1.98
C ASN A 200 20.22 -9.55 -1.92
N LEU A 201 18.98 -9.08 -1.82
CA LEU A 201 18.62 -7.64 -1.71
C LEU A 201 17.37 -7.51 -0.85
N LEU A 202 17.08 -6.29 -0.41
CA LEU A 202 15.81 -6.01 0.28
C LEU A 202 15.12 -4.93 -0.55
N PHE A 203 14.00 -5.26 -1.16
CA PHE A 203 13.20 -4.33 -1.98
C PHE A 203 12.21 -3.59 -1.10
N CYS A 204 12.03 -2.30 -1.37
CA CYS A 204 11.15 -1.41 -0.56
C CYS A 204 10.26 -0.58 -1.48
N ASN A 205 8.95 -0.69 -1.23
CA ASN A 205 7.88 0.10 -1.89
C ASN A 205 7.92 1.52 -1.31
N THR A 206 8.97 2.27 -1.63
CA THR A 206 9.13 3.68 -1.26
C THR A 206 10.11 4.31 -2.24
N PHE A 207 10.47 5.57 -2.05
CA PHE A 207 11.49 6.29 -2.87
C PHE A 207 12.36 7.17 -1.99
N ASP A 208 13.60 7.40 -2.42
CA ASP A 208 14.70 7.90 -1.56
C ASP A 208 14.33 9.28 -1.00
N LYS A 209 13.70 10.13 -1.80
CA LYS A 209 13.31 11.50 -1.36
C LYS A 209 12.30 11.40 -0.22
N LEU A 210 11.45 10.38 -0.20
CA LEU A 210 10.37 10.25 0.79
C LEU A 210 10.93 9.81 2.15
N GLU A 211 11.79 8.78 2.18
CA GLU A 211 12.20 8.08 3.43
C GLU A 211 13.72 7.86 3.44
N GLY A 212 14.49 8.80 2.88
CA GLY A 212 15.92 8.60 2.60
C GLY A 212 16.68 8.15 3.83
N GLU A 213 16.56 8.90 4.91
CA GLU A 213 17.31 8.69 6.16
C GLU A 213 17.02 7.28 6.70
N ILE A 214 15.75 6.88 6.66
CA ILE A 214 15.31 5.56 7.21
C ILE A 214 15.92 4.45 6.33
N ILE A 215 15.91 4.64 5.01
CA ILE A 215 16.46 3.64 4.04
C ILE A 215 17.98 3.53 4.26
N GLN A 216 18.64 4.64 4.60
CA GLN A 216 20.11 4.65 4.85
C GLN A 216 20.37 3.86 6.14
N TRP A 217 19.55 4.06 7.16
CA TRP A 217 19.60 3.24 8.40
C TRP A 217 19.46 1.76 8.05
N MET A 218 18.48 1.41 7.20
CA MET A 218 18.17 -0.01 6.89
C MET A 218 19.38 -0.65 6.19
N GLU A 219 20.09 0.12 5.37
CA GLU A 219 21.30 -0.32 4.63
C GLU A 219 22.40 -0.73 5.62
N THR A 220 22.36 -0.23 6.87
CA THR A 220 23.35 -0.56 7.93
C THR A 220 23.16 -1.98 8.47
N LEU A 221 22.02 -2.63 8.18
CA LEU A 221 21.69 -3.98 8.72
C LEU A 221 22.50 -5.05 7.97
N GLY A 222 23.03 -4.72 6.80
CA GLY A 222 24.20 -5.40 6.20
C GLY A 222 23.90 -5.92 4.80
N ARG A 223 22.68 -5.71 4.31
CA ARG A 223 22.22 -6.15 2.97
C ARG A 223 21.90 -4.92 2.12
N PRO A 224 22.14 -4.98 0.79
CA PRO A 224 21.71 -3.94 -0.13
C PRO A 224 20.18 -3.76 -0.12
N VAL A 225 19.73 -2.51 0.06
CA VAL A 225 18.30 -2.11 0.10
C VAL A 225 18.00 -1.33 -1.19
N LYS A 226 17.01 -1.79 -1.97
CA LYS A 226 16.61 -1.18 -3.27
C LYS A 226 15.21 -0.61 -3.12
N THR A 227 15.12 0.71 -3.06
CA THR A 227 13.85 1.48 -3.15
C THR A 227 13.37 1.46 -4.61
N VAL A 228 12.15 0.97 -4.86
CA VAL A 228 11.65 0.72 -6.24
C VAL A 228 10.24 1.31 -6.38
N GLY A 229 9.80 2.09 -5.40
CA GLY A 229 8.43 2.67 -5.35
C GLY A 229 8.42 4.09 -5.89
N PRO A 230 7.25 4.76 -5.90
CA PRO A 230 5.97 4.14 -5.56
C PRO A 230 5.47 3.20 -6.67
N THR A 231 4.83 2.11 -6.28
CA THR A 231 4.19 1.14 -7.20
C THR A 231 2.80 1.67 -7.56
N VAL A 232 2.75 2.82 -8.23
CA VAL A 232 1.52 3.44 -8.81
C VAL A 232 1.66 3.38 -10.32
N PRO A 233 0.58 3.11 -11.07
CA PRO A 233 0.70 2.92 -12.53
C PRO A 233 1.42 4.09 -13.21
N SER A 234 2.17 3.78 -14.28
CA SER A 234 3.10 4.70 -14.99
C SER A 234 2.34 5.91 -15.55
N ALA A 235 1.07 5.74 -15.91
CA ALA A 235 0.27 6.77 -16.62
C ALA A 235 0.07 7.97 -15.71
N TYR A 236 0.24 7.79 -14.39
CA TYR A 236 0.06 8.86 -13.37
C TYR A 236 1.43 9.35 -12.86
N LEU A 237 2.53 8.79 -13.38
CA LEU A 237 3.92 9.20 -13.01
C LEU A 237 4.71 9.57 -14.27
N ASP A 238 5.60 8.68 -14.72
CA ASP A 238 6.62 8.97 -15.77
C ASP A 238 6.02 8.70 -17.15
N LYS A 239 4.93 7.92 -17.20
CA LYS A 239 4.18 7.57 -18.43
C LYS A 239 5.09 6.90 -19.48
N ARG A 240 6.08 6.12 -19.05
CA ARG A 240 6.99 5.41 -19.98
C ARG A 240 6.49 4.00 -20.25
N VAL A 241 5.44 3.57 -19.58
CA VAL A 241 4.87 2.21 -19.79
C VAL A 241 3.51 2.40 -20.44
N GLU A 242 3.45 2.24 -21.75
CA GLU A 242 2.22 2.49 -22.55
C GLU A 242 1.03 1.72 -22.00
N ASN A 243 -0.10 2.43 -21.84
CA ASN A 243 -1.45 1.98 -21.37
C ASN A 243 -1.52 1.75 -19.86
N ASP A 244 -0.43 1.91 -19.11
CA ASP A 244 -0.38 1.63 -17.65
C ASP A 244 -1.24 2.61 -16.85
N LYS A 245 -2.56 2.46 -16.89
CA LYS A 245 -3.46 3.35 -16.15
C LYS A 245 -4.05 2.60 -14.96
N HIS A 246 -3.85 1.28 -14.92
CA HIS A 246 -4.48 0.43 -13.87
C HIS A 246 -3.43 -0.46 -13.19
N TYR A 247 -3.80 -1.13 -12.10
CA TYR A 247 -2.86 -1.90 -11.24
C TYR A 247 -2.59 -3.29 -11.86
N GLY A 248 -3.51 -3.77 -12.70
CA GLY A 248 -3.55 -5.17 -13.16
C GLY A 248 -2.72 -5.39 -14.42
N LEU A 249 -2.66 -6.64 -14.89
CA LEU A 249 -1.74 -7.12 -15.96
C LEU A 249 -2.49 -7.29 -17.29
N SER A 250 -3.79 -7.56 -17.23
CA SER A 250 -4.68 -7.81 -18.39
C SER A 250 -5.30 -6.47 -18.84
N LEU A 251 -5.96 -6.42 -20.00
CA LEU A 251 -6.43 -5.12 -20.57
C LEU A 251 -7.58 -4.58 -19.70
N PHE A 252 -7.50 -3.31 -19.32
CA PHE A 252 -8.44 -2.63 -18.39
C PHE A 252 -9.86 -2.73 -18.94
N LYS A 253 -10.79 -3.16 -18.09
CA LYS A 253 -12.23 -3.35 -18.44
C LYS A 253 -13.05 -2.28 -17.71
N PRO A 254 -13.21 -1.08 -18.29
CA PRO A 254 -13.82 0.04 -17.58
C PRO A 254 -15.22 -0.30 -17.06
N ASN A 255 -15.49 0.03 -15.79
CA ASN A 255 -16.86 0.15 -15.24
C ASN A 255 -17.54 1.37 -15.86
N GLU A 256 -18.88 1.46 -15.77
CA GLU A 256 -19.64 2.68 -16.10
C GLU A 256 -19.61 3.63 -14.91
N ASP A 257 -19.00 4.81 -15.11
CA ASP A 257 -18.65 5.78 -14.05
C ASP A 257 -19.63 6.95 -14.13
N VAL A 258 -20.05 7.48 -12.97
CA VAL A 258 -20.86 8.73 -12.87
C VAL A 258 -19.98 9.82 -12.23
N CYS A 259 -18.89 9.41 -11.59
CA CYS A 259 -18.04 10.27 -10.72
C CYS A 259 -17.40 11.41 -11.53
N LEU A 260 -16.77 11.09 -12.66
CA LEU A 260 -15.91 12.05 -13.43
C LEU A 260 -16.78 13.15 -14.05
N LYS A 261 -17.94 12.80 -14.62
CA LYS A 261 -18.91 13.79 -15.18
C LYS A 261 -19.30 14.79 -14.07
N TRP A 262 -19.66 14.28 -12.89
CA TRP A 262 -19.98 15.09 -11.69
C TRP A 262 -18.82 16.03 -11.36
N LEU A 263 -17.58 15.50 -11.32
CA LEU A 263 -16.38 16.30 -10.97
C LEU A 263 -16.12 17.36 -12.05
N ASP A 264 -16.48 17.08 -13.31
CA ASP A 264 -16.20 17.96 -14.48
C ASP A 264 -16.86 19.32 -14.26
N SER A 265 -17.98 19.37 -13.52
CA SER A 265 -18.86 20.55 -13.39
C SER A 265 -18.54 21.34 -12.11
N LYS A 266 -17.59 20.86 -11.30
CA LYS A 266 -17.19 21.55 -10.04
C LYS A 266 -15.92 22.37 -10.29
N PRO A 267 -15.74 23.50 -9.58
CA PRO A 267 -14.57 24.35 -9.77
C PRO A 267 -13.29 23.54 -9.55
N SER A 268 -12.22 23.92 -10.24
CA SER A 268 -10.83 23.43 -10.04
C SER A 268 -10.51 23.41 -8.54
N GLY A 269 -10.07 22.26 -8.02
CA GLY A 269 -9.47 22.11 -6.68
C GLY A 269 -10.49 22.27 -5.57
N SER A 270 -11.77 22.07 -5.85
CA SER A 270 -12.89 22.49 -4.98
C SER A 270 -13.39 21.30 -4.13
N VAL A 271 -13.33 20.07 -4.65
CA VAL A 271 -14.10 18.97 -4.00
C VAL A 271 -13.18 18.13 -3.10
N LEU A 272 -13.72 17.76 -1.93
CA LEU A 272 -13.18 16.74 -1.01
C LEU A 272 -13.52 15.36 -1.55
N TYR A 273 -12.51 14.55 -1.87
CA TYR A 273 -12.71 13.10 -2.18
C TYR A 273 -12.60 12.31 -0.89
N VAL A 274 -13.65 11.59 -0.53
CA VAL A 274 -13.73 10.85 0.77
C VAL A 274 -13.68 9.34 0.52
N SER A 275 -12.73 8.65 1.16
CA SER A 275 -12.63 7.18 1.20
C SER A 275 -11.90 6.75 2.46
N TYR A 276 -12.58 6.07 3.39
CA TYR A 276 -11.98 5.59 4.65
C TYR A 276 -11.58 4.11 4.50
N GLY A 277 -11.53 3.63 3.25
CA GLY A 277 -10.87 2.37 2.87
C GLY A 277 -11.87 1.28 2.52
N SER A 278 -11.53 0.44 1.53
CA SER A 278 -12.39 -0.65 1.01
C SER A 278 -12.51 -1.81 2.01
N LEU A 279 -11.69 -1.83 3.06
CA LEU A 279 -11.65 -2.97 4.03
C LEU A 279 -12.09 -2.51 5.42
N VAL A 280 -11.97 -1.22 5.72
CA VAL A 280 -12.39 -0.65 7.03
C VAL A 280 -13.90 -0.87 7.20
N GLU A 281 -14.29 -1.40 8.36
CA GLU A 281 -15.70 -1.41 8.84
C GLU A 281 -15.84 -0.36 9.95
N MET A 282 -16.61 0.68 9.70
CA MET A 282 -16.76 1.83 10.64
C MET A 282 -18.09 1.70 11.37
N GLY A 283 -18.07 1.87 12.69
CA GLY A 283 -19.29 1.89 13.54
C GLY A 283 -20.18 3.07 13.20
N GLU A 284 -21.47 2.91 13.46
CA GLU A 284 -22.50 3.91 13.12
C GLU A 284 -22.27 5.26 13.81
N GLU A 285 -21.86 5.27 15.06
CA GLU A 285 -21.66 6.56 15.74
C GLU A 285 -20.56 7.37 15.02
N GLN A 286 -19.40 6.76 14.81
CA GLN A 286 -18.27 7.44 14.13
C GLN A 286 -18.71 7.81 12.71
N LEU A 287 -19.40 6.90 12.03
CA LEU A 287 -19.88 7.14 10.66
C LEU A 287 -20.74 8.41 10.63
N LYS A 288 -21.66 8.56 11.57
CA LYS A 288 -22.54 9.75 11.64
C LYS A 288 -21.72 11.02 11.90
N GLU A 289 -20.78 10.98 12.83
CA GLU A 289 -19.97 12.18 13.11
C GLU A 289 -19.21 12.55 11.84
N LEU A 290 -18.68 11.56 11.14
CA LEU A 290 -17.95 11.79 9.88
C LEU A 290 -18.86 12.47 8.87
N ALA A 291 -20.06 11.93 8.67
CA ALA A 291 -21.03 12.40 7.65
C ALA A 291 -21.42 13.85 7.91
N LEU A 292 -21.79 14.18 9.15
CA LEU A 292 -22.27 15.54 9.55
C LEU A 292 -21.10 16.52 9.51
N GLY A 293 -19.90 16.05 9.86
CA GLY A 293 -18.66 16.85 9.78
C GLY A 293 -18.41 17.29 8.36
N ILE A 294 -18.47 16.34 7.42
CA ILE A 294 -18.30 16.60 5.95
C ILE A 294 -19.37 17.59 5.49
N LYS A 295 -20.62 17.36 5.91
CA LYS A 295 -21.81 18.18 5.55
C LYS A 295 -21.63 19.60 6.12
N GLU A 296 -21.09 19.71 7.33
CA GLU A 296 -20.99 21.01 8.04
C GLU A 296 -19.90 21.87 7.40
N THR A 297 -19.09 21.35 6.48
CA THR A 297 -18.05 22.14 5.74
C THR A 297 -18.70 22.95 4.62
N GLY A 298 -19.85 22.51 4.09
CA GLY A 298 -20.55 23.16 2.97
C GLY A 298 -19.80 23.00 1.66
N LYS A 299 -18.75 22.17 1.64
CA LYS A 299 -17.92 21.97 0.43
C LYS A 299 -18.54 20.85 -0.42
N PHE A 300 -18.26 20.85 -1.71
CA PHE A 300 -18.51 19.71 -2.62
C PHE A 300 -17.66 18.51 -2.19
N PHE A 301 -18.31 17.36 -2.02
CA PHE A 301 -17.60 16.10 -1.70
C PHE A 301 -18.13 14.95 -2.56
N LEU A 302 -17.18 14.11 -2.96
CA LEU A 302 -17.42 12.77 -3.56
C LEU A 302 -16.95 11.71 -2.55
N TRP A 303 -17.90 10.91 -2.06
CA TRP A 303 -17.68 9.86 -1.03
C TRP A 303 -17.93 8.48 -1.64
N VAL A 304 -16.89 7.66 -1.77
CA VAL A 304 -16.96 6.25 -2.26
C VAL A 304 -17.01 5.32 -1.04
N VAL A 305 -18.12 4.61 -0.86
CA VAL A 305 -18.39 3.78 0.34
C VAL A 305 -19.27 2.59 -0.05
N ARG A 306 -18.76 1.37 0.15
CA ARG A 306 -19.34 0.11 -0.36
C ARG A 306 -20.64 -0.16 0.41
N ASP A 307 -21.53 -0.99 -0.16
CA ASP A 307 -22.99 -0.99 0.18
C ASP A 307 -23.17 -1.39 1.65
N THR A 308 -22.39 -2.34 2.16
CA THR A 308 -22.47 -2.83 3.57
C THR A 308 -22.12 -1.69 4.53
N GLU A 309 -21.22 -0.78 4.15
CA GLU A 309 -20.88 0.41 4.97
C GLU A 309 -21.97 1.48 4.79
N ALA A 310 -22.40 1.72 3.55
CA ALA A 310 -23.39 2.77 3.23
C ALA A 310 -24.67 2.52 4.05
N GLU A 311 -24.96 1.24 4.30
CA GLU A 311 -26.14 0.76 5.08
C GLU A 311 -26.18 1.50 6.42
N LYS A 312 -25.00 1.90 6.95
CA LYS A 312 -24.86 2.36 8.35
C LYS A 312 -24.93 3.89 8.41
N LEU A 313 -25.07 4.54 7.26
CA LEU A 313 -25.17 6.02 7.18
C LEU A 313 -26.44 6.50 7.88
N PRO A 314 -26.46 7.73 8.44
CA PRO A 314 -27.65 8.26 9.08
C PRO A 314 -28.80 8.27 8.08
N PRO A 315 -29.97 7.73 8.42
CA PRO A 315 -31.14 7.65 7.54
C PRO A 315 -31.37 8.76 6.52
N ASN A 316 -31.36 10.03 6.91
CA ASN A 316 -31.64 11.09 5.90
C ASN A 316 -30.36 11.73 5.36
N PHE A 317 -29.19 11.19 5.70
CA PHE A 317 -27.93 11.85 5.32
C PHE A 317 -27.80 12.09 3.82
N VAL A 318 -27.79 11.04 3.00
CA VAL A 318 -27.59 11.18 1.53
C VAL A 318 -28.55 12.21 0.91
N GLU A 319 -29.81 12.16 1.29
CA GLU A 319 -30.83 13.10 0.77
C GLU A 319 -30.50 14.55 1.17
N SER A 320 -30.03 14.74 2.39
CA SER A 320 -29.75 16.09 2.97
C SER A 320 -28.55 16.76 2.26
N VAL A 321 -27.73 15.98 1.53
CA VAL A 321 -26.53 16.52 0.84
C VAL A 321 -26.71 16.35 -0.67
N ALA A 322 -27.95 16.46 -1.15
CA ALA A 322 -28.30 16.30 -2.58
C ALA A 322 -27.46 17.27 -3.41
N GLU A 323 -27.27 18.50 -2.93
CA GLU A 323 -26.62 19.59 -3.70
C GLU A 323 -25.11 19.32 -3.75
N LYS A 324 -24.50 19.07 -2.59
CA LYS A 324 -23.04 19.22 -2.37
C LYS A 324 -22.32 17.87 -2.38
N GLY A 325 -23.03 16.80 -2.02
CA GLY A 325 -22.42 15.47 -1.81
C GLY A 325 -22.87 14.47 -2.85
N LEU A 326 -21.90 13.82 -3.51
CA LEU A 326 -22.11 12.60 -4.33
C LEU A 326 -21.60 11.38 -3.56
N VAL A 327 -22.53 10.61 -2.99
CA VAL A 327 -22.23 9.37 -2.21
C VAL A 327 -22.55 8.17 -3.11
N VAL A 328 -21.54 7.40 -3.50
CA VAL A 328 -21.67 6.34 -4.56
C VAL A 328 -20.91 5.08 -4.11
N SER A 329 -21.25 3.93 -4.71
CA SER A 329 -20.71 2.61 -4.27
C SER A 329 -19.31 2.42 -4.81
N TRP A 330 -18.95 3.07 -5.93
CA TRP A 330 -17.67 2.85 -6.66
C TRP A 330 -17.29 4.05 -7.53
N CYS A 331 -16.00 4.41 -7.51
CA CYS A 331 -15.30 5.14 -8.60
C CYS A 331 -13.88 4.58 -8.71
N SER A 332 -13.17 4.89 -9.80
CA SER A 332 -11.70 4.73 -9.92
C SER A 332 -11.00 5.77 -9.05
N GLN A 333 -10.42 5.34 -7.92
CA GLN A 333 -9.73 6.26 -6.98
C GLN A 333 -8.64 7.01 -7.75
N LEU A 334 -7.88 6.31 -8.57
CA LEU A 334 -6.77 6.93 -9.36
C LEU A 334 -7.35 8.03 -10.26
N GLU A 335 -8.49 7.77 -10.93
CA GLU A 335 -9.09 8.75 -11.87
C GLU A 335 -9.69 9.91 -11.10
N VAL A 336 -10.29 9.63 -9.93
CA VAL A 336 -10.85 10.67 -9.02
C VAL A 336 -9.71 11.55 -8.50
N LEU A 337 -8.65 10.96 -7.94
CA LEU A 337 -7.52 11.71 -7.33
C LEU A 337 -6.84 12.57 -8.42
N ALA A 338 -6.76 12.09 -9.66
CA ALA A 338 -6.05 12.77 -10.78
C ALA A 338 -6.88 13.95 -11.30
N HIS A 339 -8.16 14.02 -10.94
CA HIS A 339 -9.14 14.99 -11.50
C HIS A 339 -8.87 16.38 -10.94
N PRO A 340 -8.77 17.41 -11.80
CA PRO A 340 -8.39 18.75 -11.36
C PRO A 340 -9.37 19.37 -10.34
N SER A 341 -10.63 18.89 -10.30
CA SER A 341 -11.68 19.44 -9.41
C SER A 341 -11.44 18.97 -7.97
N VAL A 342 -10.64 17.92 -7.79
CA VAL A 342 -10.36 17.30 -6.45
C VAL A 342 -9.20 18.05 -5.79
N GLY A 343 -9.45 18.66 -4.62
CA GLY A 343 -8.51 19.57 -3.94
C GLY A 343 -7.94 18.94 -2.69
N CYS A 344 -8.62 17.91 -2.16
CA CYS A 344 -8.30 17.32 -0.84
C CYS A 344 -8.79 15.87 -0.78
N PHE A 345 -8.07 15.02 -0.08
CA PHE A 345 -8.31 13.55 0.01
C PHE A 345 -8.45 13.18 1.50
N PHE A 346 -9.68 12.86 1.90
CA PHE A 346 -9.99 12.39 3.26
C PHE A 346 -9.76 10.88 3.21
N THR A 347 -8.69 10.41 3.85
CA THR A 347 -8.26 9.00 3.67
C THR A 347 -7.98 8.29 4.98
N HIS A 348 -8.02 6.95 4.94
CA HIS A 348 -7.69 6.08 6.09
C HIS A 348 -6.15 5.94 6.25
N CYS A 349 -5.38 6.41 5.28
CA CYS A 349 -3.89 6.41 5.28
C CYS A 349 -3.34 5.00 5.17
N GLY A 350 -3.97 4.18 4.34
CA GLY A 350 -3.35 2.90 3.96
C GLY A 350 -2.14 3.24 3.09
N TRP A 351 -1.12 2.41 3.09
CA TRP A 351 0.13 2.76 2.35
C TRP A 351 -0.15 3.01 0.86
N ASN A 352 -1.02 2.20 0.28
CA ASN A 352 -1.33 2.28 -1.17
C ASN A 352 -2.02 3.63 -1.45
N SER A 353 -3.00 4.03 -0.64
CA SER A 353 -3.71 5.33 -0.81
C SER A 353 -2.78 6.51 -0.50
N THR A 354 -1.89 6.35 0.49
CA THR A 354 -0.84 7.34 0.86
C THR A 354 0.07 7.61 -0.34
N LEU A 355 0.56 6.55 -1.00
CA LEU A 355 1.41 6.69 -2.18
C LEU A 355 0.62 7.39 -3.29
N GLU A 356 -0.67 7.04 -3.48
CA GLU A 356 -1.51 7.65 -4.54
C GLU A 356 -1.72 9.15 -4.27
N ALA A 357 -1.96 9.54 -3.02
CA ALA A 357 -2.12 10.97 -2.63
C ALA A 357 -0.83 11.74 -2.96
N LEU A 358 0.32 11.17 -2.59
CA LEU A 358 1.65 11.78 -2.86
C LEU A 358 1.86 11.86 -4.37
N CYS A 359 1.61 10.76 -5.11
CA CYS A 359 1.89 10.67 -6.57
C CYS A 359 1.02 11.66 -7.34
N LEU A 360 -0.22 11.86 -6.90
CA LEU A 360 -1.22 12.65 -7.66
C LEU A 360 -1.32 14.05 -7.07
N GLY A 361 -0.55 14.34 -6.03
CA GLY A 361 -0.33 15.71 -5.53
C GLY A 361 -1.61 16.27 -4.92
N VAL A 362 -2.26 15.48 -4.07
CA VAL A 362 -3.52 15.88 -3.40
C VAL A 362 -3.27 15.95 -1.90
N PRO A 363 -3.46 17.13 -1.28
CA PRO A 363 -3.35 17.28 0.17
C PRO A 363 -4.36 16.35 0.86
N VAL A 364 -4.11 15.99 2.12
CA VAL A 364 -4.89 14.94 2.84
C VAL A 364 -5.53 15.53 4.10
N VAL A 365 -6.69 14.97 4.44
CA VAL A 365 -7.21 14.85 5.82
C VAL A 365 -7.07 13.38 6.24
N ALA A 366 -6.13 13.12 7.15
CA ALA A 366 -5.71 11.77 7.58
C ALA A 366 -6.63 11.30 8.68
N PHE A 367 -7.37 10.22 8.42
CA PHE A 367 -8.27 9.57 9.39
C PHE A 367 -7.86 8.11 9.51
N PRO A 368 -6.63 7.85 10.00
CA PRO A 368 -6.13 6.48 10.13
C PRO A 368 -6.99 5.66 11.09
N GLN A 369 -7.12 4.35 10.82
CA GLN A 369 -8.07 3.44 11.51
C GLN A 369 -7.28 2.33 12.21
N TRP A 370 -6.56 1.47 11.46
CA TRP A 370 -5.79 0.35 12.06
C TRP A 370 -4.33 0.34 11.58
N ALA A 371 -3.52 -0.46 12.29
CA ALA A 371 -2.25 -1.03 11.78
C ALA A 371 -1.32 0.14 11.41
N ASP A 372 -0.69 0.07 10.23
CA ASP A 372 0.39 1.01 9.84
C ASP A 372 -0.22 2.38 9.52
N GLN A 373 -1.55 2.46 9.40
CA GLN A 373 -2.22 3.71 8.97
C GLN A 373 -1.83 4.85 9.92
N VAL A 374 -1.74 4.57 11.24
CA VAL A 374 -1.43 5.62 12.24
C VAL A 374 -0.03 6.19 11.93
N THR A 375 0.93 5.35 11.57
CA THR A 375 2.34 5.75 11.29
C THR A 375 2.41 6.50 9.96
N ASN A 376 1.66 6.03 8.95
CA ASN A 376 1.50 6.72 7.64
C ASN A 376 0.94 8.14 7.86
N ALA A 377 -0.04 8.28 8.77
CA ALA A 377 -0.72 9.57 9.05
C ALA A 377 0.28 10.53 9.71
N LYS A 378 1.08 10.01 10.64
CA LYS A 378 2.17 10.77 11.32
C LYS A 378 3.11 11.37 10.27
N PHE A 379 3.54 10.60 9.27
CA PHE A 379 4.48 11.10 8.23
C PHE A 379 3.77 12.13 7.33
N LEU A 380 2.53 11.86 6.91
CA LEU A 380 1.76 12.78 6.03
C LEU A 380 1.63 14.14 6.73
N GLU A 381 1.39 14.16 8.03
CA GLU A 381 1.13 15.42 8.78
C GLU A 381 2.45 16.11 9.11
N ASP A 382 3.39 15.39 9.73
CA ASP A 382 4.52 16.00 10.49
C ASP A 382 5.82 15.95 9.69
N VAL A 383 5.93 15.06 8.69
CA VAL A 383 7.22 14.83 7.99
C VAL A 383 7.12 15.37 6.57
N TRP A 384 6.16 14.88 5.77
CA TRP A 384 5.94 15.27 4.35
C TRP A 384 5.10 16.56 4.29
N LYS A 385 4.27 16.76 5.30
CA LYS A 385 3.55 18.04 5.57
C LYS A 385 2.60 18.33 4.41
N VAL A 386 1.73 17.36 4.08
CA VAL A 386 0.73 17.51 2.99
C VAL A 386 -0.70 17.43 3.58
N GLY A 387 -0.86 17.62 4.89
CA GLY A 387 -2.18 17.81 5.52
C GLY A 387 -2.16 17.55 7.02
N LYS A 388 -3.29 17.11 7.58
CA LYS A 388 -3.49 17.03 9.06
C LYS A 388 -4.32 15.81 9.41
N ARG A 389 -4.10 15.30 10.63
CA ARG A 389 -4.86 14.21 11.26
C ARG A 389 -6.06 14.82 11.99
N VAL A 390 -7.24 14.25 11.77
CA VAL A 390 -8.44 14.58 12.59
C VAL A 390 -8.10 14.27 14.04
N LYS A 391 -8.23 15.27 14.89
CA LYS A 391 -8.00 15.06 16.34
C LYS A 391 -9.09 14.13 16.81
N ARG A 392 -8.74 13.15 17.61
CA ARG A 392 -9.76 12.21 18.12
C ARG A 392 -9.81 12.32 19.65
N ASN A 393 -10.91 11.87 20.25
CA ASN A 393 -11.04 12.01 21.70
C ASN A 393 -10.45 10.79 22.38
N GLU A 394 -10.53 10.79 23.72
CA GLU A 394 -10.05 9.70 24.61
C GLU A 394 -10.73 8.40 24.20
N GLN A 395 -12.04 8.46 23.90
CA GLN A 395 -12.88 7.32 23.45
C GLN A 395 -12.51 6.78 22.06
N ARG A 396 -11.71 7.54 21.27
CA ARG A 396 -11.20 7.35 19.88
C ARG A 396 -12.21 7.93 18.89
N LEU A 397 -13.29 8.50 19.40
CA LEU A 397 -14.37 9.04 18.54
C LEU A 397 -13.99 10.44 18.06
N ALA A 398 -13.99 10.63 16.75
CA ALA A 398 -13.74 11.97 16.19
C ALA A 398 -15.10 12.64 16.01
N SER A 399 -15.29 13.75 16.69
CA SER A 399 -16.56 14.51 16.66
C SER A 399 -16.78 15.17 15.30
N LYS A 400 -18.00 15.60 15.04
CA LYS A 400 -18.30 16.28 13.76
C LYS A 400 -17.50 17.59 13.64
N GLU A 401 -17.29 18.30 14.76
CA GLU A 401 -16.56 19.58 14.76
C GLU A 401 -15.08 19.33 14.44
N GLU A 402 -14.49 18.25 14.96
CA GLU A 402 -13.06 17.92 14.74
C GLU A 402 -12.87 17.47 13.29
N VAL A 403 -13.88 16.81 12.71
CA VAL A 403 -13.88 16.44 11.27
C VAL A 403 -13.97 17.72 10.43
N ARG A 404 -14.94 18.58 10.74
CA ARG A 404 -15.17 19.84 10.00
C ARG A 404 -13.92 20.73 10.09
N SER A 405 -13.41 20.98 11.29
CA SER A 405 -12.27 21.93 11.50
C SER A 405 -11.06 21.43 10.73
N CYS A 406 -10.76 20.13 10.81
CA CYS A 406 -9.59 19.51 10.13
C CYS A 406 -9.70 19.74 8.62
N ILE A 407 -10.87 19.47 8.04
CA ILE A 407 -11.12 19.67 6.58
C ILE A 407 -10.90 21.15 6.26
N TRP A 408 -11.49 22.04 7.07
CA TRP A 408 -11.36 23.51 6.88
C TRP A 408 -9.87 23.91 6.98
N GLU A 409 -9.15 23.42 7.99
CA GLU A 409 -7.71 23.77 8.21
C GLU A 409 -6.90 23.37 6.97
N VAL A 410 -7.12 22.16 6.45
CA VAL A 410 -6.31 21.62 5.30
C VAL A 410 -6.67 22.38 4.03
N MET A 411 -7.95 22.68 3.81
CA MET A 411 -8.45 23.21 2.52
C MET A 411 -8.46 24.75 2.51
N GLU A 412 -8.63 25.39 3.67
CA GLU A 412 -8.91 26.87 3.74
C GLU A 412 -7.97 27.57 4.74
N GLY A 413 -7.38 26.84 5.69
CA GLY A 413 -6.68 27.43 6.84
C GLY A 413 -5.34 28.07 6.46
N GLU A 414 -4.61 28.50 7.49
CA GLU A 414 -3.33 29.24 7.38
C GLU A 414 -2.35 28.42 6.54
N ARG A 415 -2.29 27.10 6.76
CA ARG A 415 -1.28 26.21 6.13
C ARG A 415 -1.83 25.55 4.85
N ALA A 416 -2.96 26.03 4.30
CA ALA A 416 -3.59 25.43 3.10
C ALA A 416 -2.64 25.51 1.91
N SER A 417 -2.17 26.73 1.58
CA SER A 417 -1.17 26.97 0.51
C SER A 417 0.03 26.03 0.68
N GLU A 418 0.53 25.91 1.91
CA GLU A 418 1.71 25.08 2.27
C GLU A 418 1.43 23.61 1.94
N PHE A 419 0.28 23.07 2.36
CA PHE A 419 -0.14 21.69 2.04
C PHE A 419 -0.09 21.46 0.52
N LYS A 420 -0.71 22.34 -0.27
CA LYS A 420 -0.78 22.24 -1.77
C LYS A 420 0.62 22.36 -2.37
N SER A 421 1.41 23.31 -1.88
CA SER A 421 2.79 23.55 -2.37
C SER A 421 3.61 22.25 -2.18
N ASN A 422 3.47 21.65 -1.00
CA ASN A 422 4.23 20.45 -0.57
C ASN A 422 3.76 19.21 -1.36
N SER A 423 2.45 19.10 -1.59
CA SER A 423 1.82 18.04 -2.43
C SER A 423 2.31 18.14 -3.89
N MET A 424 2.37 19.34 -4.47
CA MET A 424 2.92 19.51 -5.84
C MET A 424 4.40 19.09 -5.88
N GLU A 425 5.16 19.36 -4.83
CA GLU A 425 6.59 18.96 -4.73
C GLU A 425 6.71 17.43 -4.69
N TRP A 426 5.97 16.77 -3.80
CA TRP A 426 5.99 15.29 -3.62
C TRP A 426 5.51 14.59 -4.91
N LYS A 427 4.59 15.22 -5.65
CA LYS A 427 4.13 14.73 -6.97
C LYS A 427 5.31 14.74 -7.95
N LYS A 428 6.06 15.84 -8.00
CA LYS A 428 7.26 16.01 -8.85
C LYS A 428 8.31 14.93 -8.50
N TRP A 429 8.65 14.81 -7.22
CA TRP A 429 9.72 13.90 -6.74
C TRP A 429 9.34 12.43 -7.00
N ALA A 430 8.07 12.09 -6.79
CA ALA A 430 7.53 10.73 -7.03
C ALA A 430 7.75 10.37 -8.49
N LYS A 431 7.40 11.28 -9.41
CA LYS A 431 7.53 11.07 -10.88
C LYS A 431 9.02 10.96 -11.25
N GLU A 432 9.81 11.90 -10.76
CA GLU A 432 11.30 11.90 -10.82
C GLU A 432 11.86 10.50 -10.49
N ALA A 433 11.41 9.89 -9.40
CA ALA A 433 12.02 8.67 -8.84
C ALA A 433 11.85 7.51 -9.82
N VAL A 434 10.70 7.42 -10.49
CA VAL A 434 10.35 6.26 -11.37
C VAL A 434 10.67 6.61 -12.83
N ASP A 435 10.81 7.89 -13.17
CA ASP A 435 11.25 8.34 -14.52
C ASP A 435 12.70 7.92 -14.78
N GLU A 436 13.12 7.96 -16.06
CA GLU A 436 14.47 7.54 -16.50
C GLU A 436 15.51 8.23 -15.64
N GLY A 437 16.44 7.47 -15.05
CA GLY A 437 17.54 8.00 -14.24
C GLY A 437 17.11 8.41 -12.85
N GLY A 438 15.84 8.20 -12.49
CA GLY A 438 15.33 8.40 -11.11
C GLY A 438 15.95 7.42 -10.14
N SER A 439 15.91 7.72 -8.84
CA SER A 439 16.46 6.83 -7.78
C SER A 439 15.84 5.43 -7.88
N SER A 440 14.55 5.34 -8.19
CA SER A 440 13.84 4.05 -8.26
C SER A 440 14.15 3.35 -9.58
N ASP A 441 14.09 4.11 -10.68
CA ASP A 441 14.44 3.58 -12.01
C ASP A 441 15.85 2.99 -11.93
N LYS A 442 16.78 3.66 -11.24
CA LYS A 442 18.21 3.24 -11.21
C LYS A 442 18.30 1.92 -10.43
N ASN A 443 17.54 1.77 -9.35
CA ASN A 443 17.54 0.51 -8.56
C ASN A 443 17.02 -0.61 -9.46
N ILE A 444 16.01 -0.33 -10.29
CA ILE A 444 15.37 -1.35 -11.16
C ILE A 444 16.33 -1.69 -12.32
N GLU A 445 16.98 -0.68 -12.91
CA GLU A 445 18.03 -0.88 -13.94
C GLU A 445 19.14 -1.76 -13.38
N GLU A 446 19.68 -1.41 -12.21
CA GLU A 446 20.78 -2.15 -11.51
C GLU A 446 20.40 -3.61 -11.31
N PHE A 447 19.19 -3.85 -10.84
CA PHE A 447 18.65 -5.20 -10.54
C PHE A 447 18.63 -6.00 -11.86
N VAL A 448 18.10 -5.38 -12.90
CA VAL A 448 17.91 -6.04 -14.23
C VAL A 448 19.29 -6.44 -14.79
N ALA A 449 20.29 -5.56 -14.71
CA ALA A 449 21.68 -5.82 -15.15
C ALA A 449 22.26 -7.00 -14.36
N MET A 450 22.08 -6.99 -13.03
CA MET A 450 22.55 -8.08 -12.12
C MET A 450 21.93 -9.41 -12.59
N LEU A 451 20.62 -9.41 -12.85
CA LEU A 451 19.88 -10.60 -13.33
C LEU A 451 20.53 -11.09 -14.63
N LYS A 452 20.83 -10.18 -15.55
CA LYS A 452 21.35 -10.49 -16.91
C LYS A 452 22.74 -11.14 -16.80
N GLN A 453 23.49 -10.84 -15.73
CA GLN A 453 24.78 -11.51 -15.39
C GLN A 453 24.50 -12.93 -14.85
N THR A 454 23.33 -13.49 -15.19
CA THR A 454 22.66 -14.58 -14.44
C THR A 454 22.97 -14.44 -12.94
S SO4 B . -4.59 0.79 1.08
O1 SO4 B . -4.94 0.18 -0.13
O2 SO4 B . -4.52 2.18 0.91
O3 SO4 B . -3.34 0.29 1.50
O4 SO4 B . -5.56 0.46 2.04
#